data_6DTG
#
_entry.id   6DTG
#
_cell.length_a   50.088
_cell.length_b   90.921
_cell.length_c   108.734
_cell.angle_alpha   90.000
_cell.angle_beta   90.000
_cell.angle_gamma   90.000
#
_symmetry.space_group_name_H-M   'P 21 21 21'
#
loop_
_entity.id
_entity.type
_entity.pdbx_description
1 polymer 'Periplasmic oligopeptide-binding protein'
2 polymer TYR-LEU-GLY-ALA-ASN-GLY
3 water water
#
loop_
_entity_poly.entity_id
_entity_poly.type
_entity_poly.pdbx_seq_one_letter_code
_entity_poly.pdbx_strand_id
1 'polypeptide(L)'
;MVIVPEGTQLDEKQHIVINNGAEPQSFDPHKTEGVPESNVAYQLLEGLVTSDSEGKLQPGAAESWENTPDFKTWTFHLRK
DAKWSNGDPVTAHDFVFAWRRLVDPATAAPYASYLSYLQVENAQDIIDGKKKPAELGVEAKDDYTFVVHATNPVPYAVSL
TTHQSLLPLPQKVVEKLGDAWVKKENYVGNGAYKLANHIINEKIEFERNPLYWNDKETVINSATFLAIENPSTDVARYRA
GDLDMTSYGLPPEQFAKLKKELLGEVYVTRTLGTYSYELNNKKAPFDNVNIRKALNLSLDRNVITDKVLGQGQTPTYVFT
PTYIEEGHLIQQPAYSKEPMAQRNEEAIKLLEEAGYSKANPLKFSILYNTNENHKKVAIAAASMWKANTKGLIDVKLENQ
EWKTYIDSRRAGRYDVARAGWHADYNQATTFGNYFLSNSSNNTAKYANPEYDKAMAESYAATDAEGRAKAYAKAEEILGK
DYGIVPIFNYVNPRLVKPYVKGYSGKDPQDHIYLRNLYIIKHLEHHHHHH
;
A
2 'polypeptide(L)' YLGANG B
#
# COMPACT_ATOMS: atom_id res chain seq x y z
N MET A 1 11.04 26.30 9.40
CA MET A 1 10.33 27.45 10.06
C MET A 1 9.02 26.94 10.70
N VAL A 2 7.89 27.06 9.99
CA VAL A 2 6.51 26.88 10.51
C VAL A 2 6.32 25.52 11.21
N ILE A 3 6.84 24.41 10.65
CA ILE A 3 6.67 23.05 11.27
C ILE A 3 7.47 22.95 12.59
N VAL A 4 8.49 23.78 12.77
CA VAL A 4 9.37 23.75 13.94
C VAL A 4 8.78 24.62 15.04
N PRO A 5 8.47 24.06 16.23
CA PRO A 5 8.06 24.86 17.39
C PRO A 5 9.07 25.98 17.73
N GLU A 6 8.56 27.18 18.05
CA GLU A 6 9.41 28.35 18.38
C GLU A 6 10.36 27.98 19.52
N GLY A 7 11.59 28.48 19.45
CA GLY A 7 12.60 28.23 20.47
C GLY A 7 13.39 26.96 20.23
N THR A 8 12.78 25.97 19.56
CA THR A 8 13.42 24.66 19.30
C THR A 8 14.75 24.87 18.57
N GLN A 9 15.83 24.32 19.14
CA GLN A 9 17.15 24.41 18.54
C GLN A 9 17.27 23.28 17.51
N LEU A 10 17.43 23.66 16.24
CA LEU A 10 17.61 22.77 15.14
C LEU A 10 19.08 22.43 15.00
N ASP A 11 19.35 21.19 14.61
CA ASP A 11 20.69 20.78 14.20
C ASP A 11 21.03 21.51 12.88
N GLU A 12 22.33 21.64 12.60
CA GLU A 12 22.77 22.46 11.47
C GLU A 12 22.75 21.67 10.15
N LYS A 13 23.00 20.36 10.21
CA LYS A 13 23.23 19.56 8.96
C LYS A 13 21.90 19.18 8.28
N GLN A 14 20.94 18.76 9.10
CA GLN A 14 19.62 18.28 8.71
C GLN A 14 19.74 17.16 7.66
N HIS A 15 20.43 16.08 8.03
CA HIS A 15 20.54 14.87 7.22
C HIS A 15 19.87 13.75 7.99
N ILE A 16 19.13 12.88 7.29
CA ILE A 16 18.49 11.77 7.96
C ILE A 16 18.70 10.50 7.14
N VAL A 17 18.79 9.36 7.82
CA VAL A 17 18.92 8.04 7.21
C VAL A 17 17.75 7.18 7.66
N ILE A 18 17.00 6.69 6.69
CA ILE A 18 15.80 5.90 6.88
C ILE A 18 15.94 4.57 6.16
N ASN A 19 15.51 3.47 6.80
CA ASN A 19 15.44 2.23 6.09
C ASN A 19 14.15 2.20 5.27
N ASN A 20 14.29 2.03 3.95
CA ASN A 20 13.12 1.91 3.05
C ASN A 20 12.78 0.43 2.82
N GLY A 21 13.64 -0.51 3.23
CA GLY A 21 13.26 -1.94 3.36
C GLY A 21 13.61 -2.83 2.15
N ALA A 22 13.71 -2.25 0.96
CA ALA A 22 13.88 -2.98 -0.27
C ALA A 22 14.31 -2.03 -1.39
N GLU A 23 14.93 -2.60 -2.42
CA GLU A 23 15.19 -1.91 -3.67
C GLU A 23 13.87 -1.70 -4.41
N PRO A 24 13.46 -0.46 -4.73
CA PRO A 24 12.20 -0.25 -5.44
C PRO A 24 12.23 -0.77 -6.88
N GLN A 25 11.06 -1.20 -7.36
CA GLN A 25 10.93 -1.66 -8.76
C GLN A 25 11.35 -0.53 -9.72
N SER A 26 10.91 0.70 -9.45
CA SER A 26 10.99 1.85 -10.38
C SER A 26 10.68 3.14 -9.60
N PHE A 27 11.20 4.25 -10.09
CA PHE A 27 10.83 5.54 -9.58
C PHE A 27 9.75 6.23 -10.42
N ASP A 28 9.18 5.51 -11.40
CA ASP A 28 8.08 6.00 -12.21
C ASP A 28 6.79 5.54 -11.54
N PRO A 29 5.92 6.45 -11.07
CA PRO A 29 4.73 6.07 -10.29
C PRO A 29 3.67 5.30 -11.08
N HIS A 30 3.81 5.26 -12.42
CA HIS A 30 2.91 4.45 -13.25
C HIS A 30 3.41 3.01 -13.45
N LYS A 31 4.59 2.68 -12.94
CA LYS A 31 5.09 1.32 -13.10
C LYS A 31 5.22 0.55 -11.78
N THR A 32 4.63 1.05 -10.69
CA THR A 32 4.88 0.51 -9.36
C THR A 32 3.58 0.37 -8.58
N GLU A 33 3.65 -0.38 -7.47
CA GLU A 33 2.46 -0.69 -6.71
C GLU A 33 2.78 -0.93 -5.22
N GLY A 34 4.04 -0.70 -4.81
CA GLY A 34 4.52 -1.06 -3.46
C GLY A 34 4.86 0.14 -2.58
N VAL A 35 4.95 -0.11 -1.27
CA VAL A 35 5.36 0.90 -0.30
C VAL A 35 6.79 1.41 -0.57
N PRO A 36 7.83 0.57 -0.83
CA PRO A 36 9.17 1.10 -1.11
C PRO A 36 9.14 2.14 -2.24
N GLU A 37 8.37 1.85 -3.27
CA GLU A 37 8.23 2.70 -4.46
C GLU A 37 7.54 4.03 -4.12
N SER A 38 6.43 3.96 -3.36
CA SER A 38 5.65 5.12 -3.03
C SER A 38 6.45 6.03 -2.11
N ASN A 39 7.23 5.46 -1.18
CA ASN A 39 8.11 6.23 -0.27
C ASN A 39 9.09 7.08 -1.07
N VAL A 40 9.60 6.57 -2.20
CA VAL A 40 10.51 7.36 -3.02
C VAL A 40 9.71 8.42 -3.79
N ALA A 41 8.65 7.99 -4.48
CA ALA A 41 7.81 8.88 -5.31
C ALA A 41 7.36 10.14 -4.52
N TYR A 42 7.00 9.96 -3.24
CA TYR A 42 6.40 11.01 -2.45
C TYR A 42 7.41 12.11 -2.10
N GLN A 43 8.70 11.79 -2.15
CA GLN A 43 9.71 12.79 -1.93
C GLN A 43 9.98 13.62 -3.20
N LEU A 44 9.78 13.02 -4.36
CA LEU A 44 10.21 13.62 -5.66
C LEU A 44 9.05 14.34 -6.36
N LEU A 45 7.82 13.91 -6.08
CA LEU A 45 6.62 14.41 -6.77
C LEU A 45 5.58 14.76 -5.71
N GLU A 46 4.62 15.61 -6.07
CA GLU A 46 3.51 15.97 -5.17
C GLU A 46 2.23 16.16 -5.98
N GLY A 47 1.17 15.48 -5.54
CA GLY A 47 -0.09 15.53 -6.23
C GLY A 47 -0.99 16.62 -5.68
N LEU A 48 -2.27 16.52 -6.06
CA LEU A 48 -3.25 17.57 -5.81
C LEU A 48 -3.32 17.89 -4.33
N VAL A 49 -3.39 16.84 -3.52
CA VAL A 49 -3.52 16.89 -2.10
C VAL A 49 -2.46 15.97 -1.51
N THR A 50 -2.03 16.29 -0.29
CA THR A 50 -1.00 15.53 0.38
C THR A 50 -1.37 15.47 1.87
N SER A 51 -0.45 15.04 2.74
CA SER A 51 -0.82 14.85 4.10
C SER A 51 0.28 15.29 5.07
N ASP A 52 -0.18 15.57 6.29
CA ASP A 52 0.70 15.95 7.39
C ASP A 52 1.14 14.67 8.12
N SER A 53 1.84 14.85 9.23
CA SER A 53 2.47 13.79 10.06
C SER A 53 1.44 12.78 10.61
N GLU A 54 0.19 13.24 10.77
CA GLU A 54 -0.89 12.41 11.29
C GLU A 54 -1.81 11.91 10.16
N GLY A 55 -1.42 12.06 8.90
CA GLY A 55 -2.25 11.58 7.81
C GLY A 55 -3.43 12.49 7.50
N LYS A 56 -3.50 13.69 8.08
CA LYS A 56 -4.62 14.59 7.76
C LYS A 56 -4.29 15.27 6.43
N LEU A 57 -5.33 15.52 5.64
CA LEU A 57 -5.15 15.98 4.28
C LEU A 57 -4.79 17.47 4.31
N GLN A 58 -3.94 17.87 3.37
CA GLN A 58 -3.57 19.25 3.27
C GLN A 58 -3.28 19.58 1.80
N PRO A 59 -3.37 20.87 1.42
CA PRO A 59 -3.14 21.31 0.05
C PRO A 59 -1.76 20.85 -0.43
N GLY A 60 -1.72 20.25 -1.60
CA GLY A 60 -0.46 19.94 -2.30
C GLY A 60 -0.28 20.88 -3.48
N ALA A 61 -0.26 20.28 -4.67
CA ALA A 61 -0.13 21.01 -5.90
C ALA A 61 -1.35 21.90 -6.14
N ALA A 62 -2.53 21.47 -5.63
CA ALA A 62 -3.75 22.27 -5.59
C ALA A 62 -3.86 23.01 -4.25
N GLU A 63 -4.08 24.34 -4.33
CA GLU A 63 -4.31 25.17 -3.16
C GLU A 63 -5.78 25.16 -2.72
N SER A 64 -6.69 24.78 -3.60
CA SER A 64 -8.16 24.79 -3.30
C SER A 64 -8.86 23.79 -4.23
N TRP A 65 -10.02 23.32 -3.80
CA TRP A 65 -10.78 22.40 -4.59
C TRP A 65 -12.23 22.42 -4.09
N GLU A 66 -13.14 21.94 -4.93
CA GLU A 66 -14.57 21.86 -4.59
C GLU A 66 -15.20 20.72 -5.40
N ASN A 67 -16.42 20.34 -5.02
CA ASN A 67 -17.16 19.33 -5.72
C ASN A 67 -18.59 19.84 -5.95
N THR A 68 -19.24 19.30 -6.96
CA THR A 68 -20.67 19.47 -7.14
C THR A 68 -21.42 18.69 -6.07
N PRO A 69 -22.68 19.05 -5.71
CA PRO A 69 -23.38 18.37 -4.62
C PRO A 69 -23.66 16.88 -4.90
N ASP A 70 -23.67 16.47 -6.17
CA ASP A 70 -23.81 15.07 -6.56
C ASP A 70 -22.49 14.27 -6.44
N PHE A 71 -21.37 14.90 -6.05
CA PHE A 71 -20.08 14.20 -5.82
C PHE A 71 -19.50 13.62 -7.11
N LYS A 72 -19.83 14.20 -8.26
CA LYS A 72 -19.40 13.70 -9.57
C LYS A 72 -18.40 14.63 -10.28
N THR A 73 -18.37 15.93 -9.92
CA THR A 73 -17.46 16.87 -10.54
C THR A 73 -16.52 17.45 -9.48
N TRP A 74 -15.21 17.33 -9.72
CA TRP A 74 -14.20 17.71 -8.78
C TRP A 74 -13.25 18.67 -9.48
N THR A 75 -13.20 19.89 -8.95
CA THR A 75 -12.43 20.99 -9.51
C THR A 75 -11.28 21.34 -8.57
N PHE A 76 -10.07 21.37 -9.14
CA PHE A 76 -8.83 21.65 -8.42
C PHE A 76 -8.20 22.91 -8.98
N HIS A 77 -7.82 23.82 -8.08
CA HIS A 77 -7.20 25.07 -8.40
C HIS A 77 -5.73 24.96 -8.05
N LEU A 78 -4.92 24.94 -9.10
CA LEU A 78 -3.48 24.77 -8.97
C LEU A 78 -2.77 26.10 -8.67
N ARG A 79 -1.58 25.99 -8.05
CA ARG A 79 -0.74 27.16 -7.70
C ARG A 79 -0.09 27.77 -8.93
N LYS A 80 -0.26 29.08 -9.12
CA LYS A 80 0.08 29.70 -10.40
C LYS A 80 1.60 29.82 -10.58
N ASP A 81 2.32 29.83 -9.47
CA ASP A 81 3.75 30.04 -9.51
C ASP A 81 4.52 28.72 -9.29
N ALA A 82 3.85 27.57 -9.20
CA ALA A 82 4.58 26.32 -8.88
C ALA A 82 5.35 25.83 -10.11
N LYS A 83 6.53 25.26 -9.85
CA LYS A 83 7.43 24.83 -10.93
C LYS A 83 7.91 23.39 -10.70
N TRP A 84 8.28 22.75 -11.81
CA TRP A 84 9.09 21.56 -11.86
C TRP A 84 10.53 21.92 -11.52
N SER A 85 11.30 20.89 -11.16
CA SER A 85 12.65 21.03 -10.65
C SER A 85 13.60 21.58 -11.75
N ASN A 86 13.21 21.49 -13.02
CA ASN A 86 13.97 22.07 -14.15
C ASN A 86 13.47 23.48 -14.50
N GLY A 87 12.48 24.02 -13.75
CA GLY A 87 11.98 25.36 -14.04
C GLY A 87 10.68 25.39 -14.83
N ASP A 88 10.31 24.30 -15.52
CA ASP A 88 9.05 24.24 -16.26
C ASP A 88 7.91 24.58 -15.30
N PRO A 89 6.81 25.21 -15.75
CA PRO A 89 5.63 25.40 -14.88
C PRO A 89 4.82 24.12 -14.71
N VAL A 90 4.28 23.94 -13.49
CA VAL A 90 3.37 22.88 -13.22
C VAL A 90 1.97 23.38 -13.60
N THR A 91 1.30 22.66 -14.48
CA THR A 91 -0.01 23.08 -14.95
C THR A 91 -0.97 21.90 -14.93
N ALA A 92 -2.27 22.21 -15.11
CA ALA A 92 -3.32 21.22 -15.21
C ALA A 92 -3.02 20.26 -16.36
N HIS A 93 -2.23 20.69 -17.35
CA HIS A 93 -1.86 19.86 -18.49
C HIS A 93 -1.02 18.65 -18.03
N ASP A 94 -0.18 18.85 -17.02
CA ASP A 94 0.65 17.81 -16.48
C ASP A 94 -0.23 16.73 -15.82
N PHE A 95 -1.29 17.15 -15.12
CA PHE A 95 -2.18 16.22 -14.49
C PHE A 95 -2.97 15.45 -15.56
N VAL A 96 -3.46 16.15 -16.59
CA VAL A 96 -4.19 15.51 -17.69
C VAL A 96 -3.26 14.48 -18.33
N PHE A 97 -2.03 14.91 -18.65
CA PHE A 97 -1.04 14.03 -19.26
C PHE A 97 -0.81 12.79 -18.38
N ALA A 98 -0.59 12.99 -17.08
CA ALA A 98 -0.25 11.87 -16.16
C ALA A 98 -1.42 10.90 -16.01
N TRP A 99 -2.63 11.43 -15.76
CA TRP A 99 -3.76 10.55 -15.54
C TRP A 99 -4.10 9.76 -16.82
N ARG A 100 -3.96 10.36 -18.00
CA ARG A 100 -4.11 9.62 -19.26
C ARG A 100 -3.05 8.51 -19.35
N ARG A 101 -1.80 8.83 -19.02
CA ARG A 101 -0.72 7.86 -19.17
C ARG A 101 -0.99 6.66 -18.23
N LEU A 102 -1.62 6.92 -17.06
CA LEU A 102 -1.89 5.84 -16.08
C LEU A 102 -2.81 4.77 -16.67
N VAL A 103 -3.89 5.18 -17.37
CA VAL A 103 -4.88 4.22 -17.95
C VAL A 103 -4.47 3.72 -19.34
N ASP A 104 -3.56 4.43 -20.03
CA ASP A 104 -3.13 4.09 -21.39
C ASP A 104 -2.63 2.65 -21.38
N PRO A 105 -3.23 1.73 -22.14
CA PRO A 105 -2.80 0.34 -22.14
C PRO A 105 -1.29 0.19 -22.40
N ALA A 106 -0.72 1.10 -23.19
CA ALA A 106 0.68 1.04 -23.58
C ALA A 106 1.62 1.17 -22.36
N THR A 107 1.16 1.90 -21.33
CA THR A 107 1.88 2.07 -20.05
C THR A 107 1.92 0.76 -19.26
N ALA A 108 0.87 -0.07 -19.37
CA ALA A 108 0.73 -1.34 -18.65
C ALA A 108 0.91 -1.13 -17.14
N ALA A 109 0.28 -0.09 -16.62
CA ALA A 109 0.46 0.31 -15.22
C ALA A 109 -0.19 -0.70 -14.28
N PRO A 110 0.52 -1.22 -13.24
CA PRO A 110 -0.12 -2.06 -12.22
C PRO A 110 -1.34 -1.41 -11.55
N TYR A 111 -1.32 -0.07 -11.42
CA TYR A 111 -2.44 0.68 -10.80
C TYR A 111 -3.36 1.38 -11.83
N ALA A 112 -3.43 0.86 -13.05
CA ALA A 112 -4.32 1.43 -14.07
C ALA A 112 -5.75 1.59 -13.51
N SER A 113 -6.19 0.60 -12.73
CA SER A 113 -7.56 0.53 -12.25
C SER A 113 -7.90 1.68 -11.30
N TYR A 114 -6.90 2.38 -10.78
CA TYR A 114 -7.14 3.41 -9.74
C TYR A 114 -8.15 4.48 -10.26
N LEU A 115 -8.06 4.89 -11.52
CA LEU A 115 -8.98 5.90 -12.06
C LEU A 115 -10.36 5.31 -12.35
N SER A 116 -10.43 3.99 -12.47
CA SER A 116 -11.67 3.26 -12.49
C SER A 116 -12.29 3.29 -11.10
N TYR A 117 -11.48 3.19 -10.07
CA TYR A 117 -11.99 3.20 -8.71
C TYR A 117 -12.66 4.56 -8.43
N LEU A 118 -12.06 5.61 -8.97
CA LEU A 118 -12.54 7.00 -8.86
C LEU A 118 -13.72 7.28 -9.80
N GLN A 119 -14.02 6.33 -10.69
CA GLN A 119 -15.26 6.34 -11.46
C GLN A 119 -15.17 7.43 -12.53
N VAL A 120 -13.94 7.73 -12.97
CA VAL A 120 -13.69 8.76 -13.94
C VAL A 120 -14.26 8.29 -15.28
N GLU A 121 -15.01 9.19 -15.93
CA GLU A 121 -15.67 8.88 -17.20
C GLU A 121 -14.64 8.34 -18.18
N ASN A 122 -14.98 7.17 -18.74
CA ASN A 122 -14.21 6.45 -19.75
C ASN A 122 -12.93 5.78 -19.22
N ALA A 123 -12.59 5.89 -17.93
CA ALA A 123 -11.30 5.28 -17.43
C ALA A 123 -11.24 3.79 -17.78
N GLN A 124 -12.29 3.07 -17.43
CA GLN A 124 -12.35 1.63 -17.64
C GLN A 124 -12.33 1.30 -19.15
N ASP A 125 -13.03 2.10 -19.97
CA ASP A 125 -13.04 1.88 -21.41
C ASP A 125 -11.64 2.04 -21.98
N ILE A 126 -10.85 2.95 -21.41
CA ILE A 126 -9.52 3.14 -21.93
C ILE A 126 -8.63 1.96 -21.54
N ILE A 127 -8.72 1.55 -20.28
CA ILE A 127 -7.97 0.41 -19.80
C ILE A 127 -8.29 -0.81 -20.69
N ASP A 128 -9.57 -0.97 -21.07
CA ASP A 128 -10.07 -2.11 -21.84
C ASP A 128 -9.82 -1.97 -23.34
N GLY A 129 -9.20 -0.88 -23.81
CA GLY A 129 -8.82 -0.75 -25.22
C GLY A 129 -9.98 -0.29 -26.11
N LYS A 130 -11.08 0.16 -25.51
CA LYS A 130 -12.25 0.56 -26.28
C LYS A 130 -12.22 2.05 -26.66
N LYS A 131 -11.47 2.87 -25.92
CA LYS A 131 -11.40 4.30 -26.17
C LYS A 131 -9.97 4.78 -26.01
N LYS A 132 -9.64 5.87 -26.71
CA LYS A 132 -8.33 6.46 -26.63
C LYS A 132 -8.15 7.16 -25.30
N PRO A 133 -6.89 7.19 -24.76
CA PRO A 133 -6.60 7.94 -23.53
C PRO A 133 -7.11 9.38 -23.50
N ALA A 134 -7.13 10.06 -24.66
CA ALA A 134 -7.59 11.46 -24.76
C ALA A 134 -9.09 11.59 -24.45
N GLU A 135 -9.83 10.48 -24.39
CA GLU A 135 -11.24 10.50 -24.08
C GLU A 135 -11.50 10.41 -22.57
N LEU A 136 -10.44 10.33 -21.76
CA LEU A 136 -10.63 10.30 -20.31
C LEU A 136 -11.32 11.58 -19.86
N GLY A 137 -12.22 11.46 -18.87
CA GLY A 137 -13.00 12.53 -18.32
C GLY A 137 -12.26 13.43 -17.33
N VAL A 138 -11.07 13.88 -17.71
CA VAL A 138 -10.40 14.97 -17.00
C VAL A 138 -9.90 16.00 -18.00
N GLU A 139 -9.75 17.25 -17.56
CA GLU A 139 -9.50 18.37 -18.48
C GLU A 139 -8.83 19.50 -17.72
N ALA A 140 -7.96 20.20 -18.44
CA ALA A 140 -7.45 21.48 -18.06
C ALA A 140 -8.44 22.51 -18.60
N LYS A 141 -9.31 23.02 -17.73
CA LYS A 141 -10.24 24.09 -18.09
C LYS A 141 -9.42 25.34 -18.48
N ASP A 142 -8.32 25.56 -17.76
CA ASP A 142 -7.26 26.51 -18.12
C ASP A 142 -5.98 25.99 -17.50
N ASP A 143 -4.88 26.76 -17.58
CA ASP A 143 -3.60 26.20 -17.19
C ASP A 143 -3.58 25.77 -15.71
N TYR A 144 -4.41 26.38 -14.84
CA TYR A 144 -4.36 26.19 -13.40
C TYR A 144 -5.69 25.68 -12.86
N THR A 145 -6.52 25.11 -13.73
CA THR A 145 -7.80 24.49 -13.29
C THR A 145 -7.93 23.11 -13.93
N PHE A 146 -7.85 22.09 -13.08
CA PHE A 146 -7.96 20.69 -13.42
C PHE A 146 -9.32 20.18 -12.90
N VAL A 147 -10.12 19.61 -13.80
CA VAL A 147 -11.46 19.17 -13.49
C VAL A 147 -11.54 17.67 -13.76
N VAL A 148 -12.11 16.95 -12.78
CA VAL A 148 -12.31 15.50 -12.82
C VAL A 148 -13.82 15.23 -12.88
N HIS A 149 -14.24 14.42 -13.87
CA HIS A 149 -15.65 14.10 -14.15
C HIS A 149 -15.87 12.60 -13.89
N ALA A 150 -16.57 12.30 -12.81
CA ALA A 150 -16.90 10.94 -12.38
C ALA A 150 -18.31 10.56 -12.87
N THR A 151 -18.51 9.30 -13.24
CA THR A 151 -19.83 8.85 -13.70
C THR A 151 -20.72 8.49 -12.51
N ASN A 152 -20.12 8.26 -11.34
CA ASN A 152 -20.87 7.87 -10.14
C ASN A 152 -20.40 8.73 -8.99
N PRO A 153 -21.23 8.93 -7.94
CA PRO A 153 -20.82 9.70 -6.77
C PRO A 153 -19.65 9.04 -6.04
N VAL A 154 -18.60 9.83 -5.78
CA VAL A 154 -17.43 9.38 -5.07
C VAL A 154 -17.10 10.41 -4.00
N PRO A 155 -17.87 10.45 -2.89
CA PRO A 155 -17.69 11.49 -1.87
C PRO A 155 -16.30 11.51 -1.21
N TYR A 156 -15.56 10.40 -1.30
CA TYR A 156 -14.22 10.22 -0.74
C TYR A 156 -13.12 10.54 -1.80
N ALA A 157 -13.49 11.19 -2.91
CA ALA A 157 -12.61 11.45 -4.06
C ALA A 157 -11.30 12.14 -3.64
N VAL A 158 -11.37 13.12 -2.72
CA VAL A 158 -10.17 13.95 -2.48
C VAL A 158 -9.07 13.08 -1.86
N SER A 159 -9.46 12.19 -0.93
CA SER A 159 -8.52 11.31 -0.23
C SER A 159 -7.84 10.33 -1.23
N LEU A 160 -8.56 9.94 -2.29
CA LEU A 160 -8.04 9.09 -3.36
C LEU A 160 -6.89 9.79 -4.10
N THR A 161 -6.93 11.13 -4.19
CA THR A 161 -5.97 11.86 -5.00
C THR A 161 -4.59 11.99 -4.35
N THR A 162 -4.42 11.55 -3.10
CA THR A 162 -3.12 11.56 -2.45
C THR A 162 -2.22 10.39 -2.87
N HIS A 163 -2.72 9.43 -3.66
CA HIS A 163 -2.03 8.21 -3.96
C HIS A 163 -0.91 8.45 -4.98
N GLN A 164 0.12 7.60 -4.92
CA GLN A 164 1.29 7.72 -5.82
C GLN A 164 0.87 7.66 -7.30
N SER A 165 -0.13 6.86 -7.65
CA SER A 165 -0.53 6.62 -9.02
C SER A 165 -1.08 7.89 -9.67
N LEU A 166 -1.52 8.87 -8.86
CA LEU A 166 -2.12 10.10 -9.36
C LEU A 166 -1.18 11.31 -9.19
N LEU A 167 0.10 11.07 -8.92
CA LEU A 167 1.11 12.11 -8.94
C LEU A 167 1.25 12.67 -10.34
N PRO A 168 1.52 13.99 -10.51
CA PRO A 168 1.68 14.53 -11.86
C PRO A 168 3.05 14.07 -12.36
N LEU A 169 3.23 14.14 -13.69
CA LEU A 169 4.48 13.91 -14.36
C LEU A 169 4.76 15.12 -15.24
N PRO A 170 6.06 15.48 -15.46
CA PRO A 170 6.41 16.63 -16.29
C PRO A 170 6.21 16.27 -17.77
N GLN A 171 5.04 16.62 -18.30
CA GLN A 171 4.63 16.26 -19.67
C GLN A 171 5.75 16.52 -20.69
N LYS A 172 6.32 17.73 -20.66
CA LYS A 172 7.28 18.17 -21.67
C LYS A 172 8.52 17.26 -21.65
N VAL A 173 8.89 16.74 -20.47
CA VAL A 173 10.06 15.89 -20.32
C VAL A 173 9.74 14.48 -20.78
N VAL A 174 8.62 13.92 -20.30
CA VAL A 174 8.29 12.52 -20.56
C VAL A 174 7.94 12.32 -22.05
N GLU A 175 7.24 13.29 -22.64
CA GLU A 175 6.89 13.21 -24.09
C GLU A 175 8.17 13.12 -24.93
N LYS A 176 9.24 13.77 -24.47
CA LYS A 176 10.50 13.85 -25.20
C LYS A 176 11.41 12.66 -24.89
N LEU A 177 11.48 12.22 -23.64
CA LEU A 177 12.47 11.16 -23.27
C LEU A 177 11.84 9.77 -23.20
N GLY A 178 10.51 9.65 -23.30
CA GLY A 178 9.86 8.37 -23.01
C GLY A 178 10.15 7.86 -21.59
N ASP A 179 10.09 6.54 -21.44
CA ASP A 179 10.24 5.85 -20.17
C ASP A 179 11.60 6.16 -19.54
N ALA A 180 12.57 6.61 -20.34
CA ALA A 180 13.90 6.95 -19.86
C ALA A 180 13.93 8.24 -18.99
N TRP A 181 12.79 8.94 -18.87
CA TRP A 181 12.71 10.15 -18.06
C TRP A 181 13.06 9.85 -16.60
N VAL A 182 12.90 8.58 -16.18
CA VAL A 182 13.02 8.21 -14.79
C VAL A 182 14.49 8.05 -14.40
N LYS A 183 15.40 7.97 -15.38
CA LYS A 183 16.82 7.87 -15.08
C LYS A 183 17.21 9.11 -14.30
N LYS A 184 18.17 8.96 -13.39
CA LYS A 184 18.58 10.00 -12.45
C LYS A 184 18.95 11.29 -13.19
N GLU A 185 19.64 11.14 -14.33
CA GLU A 185 20.14 12.25 -15.15
C GLU A 185 18.97 13.06 -15.72
N ASN A 186 17.81 12.41 -15.89
CA ASN A 186 16.68 12.97 -16.60
C ASN A 186 15.53 13.36 -15.66
N TYR A 187 15.50 12.78 -14.45
CA TYR A 187 14.31 12.89 -13.58
C TYR A 187 14.02 14.36 -13.32
N VAL A 188 12.75 14.71 -13.47
CA VAL A 188 12.25 16.01 -13.13
C VAL A 188 10.98 15.81 -12.30
N GLY A 189 10.89 16.52 -11.17
CA GLY A 189 9.76 16.39 -10.26
C GLY A 189 9.38 17.71 -9.64
N ASN A 190 8.23 17.70 -8.93
CA ASN A 190 7.65 18.90 -8.34
C ASN A 190 7.53 18.75 -6.82
N GLY A 191 8.15 17.70 -6.26
CA GLY A 191 8.20 17.45 -4.82
C GLY A 191 9.32 18.20 -4.11
N ALA A 192 9.47 17.92 -2.81
CA ALA A 192 10.37 18.67 -1.97
C ALA A 192 11.84 18.28 -2.19
N TYR A 193 12.12 17.09 -2.77
CA TYR A 193 13.46 16.56 -2.95
C TYR A 193 13.68 16.18 -4.42
N LYS A 194 14.95 15.98 -4.74
CA LYS A 194 15.35 15.38 -6.00
C LYS A 194 16.41 14.30 -5.75
N LEU A 195 16.64 13.45 -6.74
CA LEU A 195 17.60 12.32 -6.65
C LEU A 195 19.03 12.84 -6.75
N ALA A 196 19.82 12.65 -5.71
CA ALA A 196 21.22 12.97 -5.75
C ALA A 196 22.00 11.73 -6.21
N ASN A 197 21.58 10.53 -5.79
CA ASN A 197 22.30 9.32 -6.16
C ASN A 197 21.41 8.10 -5.94
N HIS A 198 21.76 7.03 -6.64
CA HIS A 198 21.11 5.76 -6.58
C HIS A 198 22.14 4.66 -6.86
N ILE A 199 22.41 3.83 -5.84
CA ILE A 199 23.17 2.61 -5.97
C ILE A 199 22.23 1.44 -5.67
N ILE A 200 21.99 0.62 -6.70
CA ILE A 200 21.06 -0.50 -6.62
C ILE A 200 21.47 -1.44 -5.48
N ASN A 201 20.49 -1.76 -4.64
CA ASN A 201 20.61 -2.64 -3.49
C ASN A 201 21.39 -2.00 -2.35
N GLU A 202 21.77 -0.73 -2.44
CA GLU A 202 22.56 -0.10 -1.42
C GLU A 202 21.86 1.16 -0.87
N LYS A 203 21.66 2.19 -1.69
CA LYS A 203 21.07 3.41 -1.17
C LYS A 203 20.54 4.32 -2.28
N ILE A 204 19.56 5.12 -1.89
CA ILE A 204 19.04 6.26 -2.61
C ILE A 204 19.34 7.52 -1.80
N GLU A 205 20.00 8.50 -2.43
CA GLU A 205 20.29 9.77 -1.79
C GLU A 205 19.37 10.83 -2.37
N PHE A 206 18.78 11.63 -1.45
CA PHE A 206 17.94 12.72 -1.78
C PHE A 206 18.62 14.01 -1.38
N GLU A 207 18.39 15.04 -2.21
CA GLU A 207 18.79 16.41 -1.89
C GLU A 207 17.56 17.32 -2.07
N ARG A 208 17.57 18.44 -1.35
CA ARG A 208 16.56 19.49 -1.44
C ARG A 208 16.29 19.87 -2.91
N ASN A 209 15.01 19.99 -3.28
CA ASN A 209 14.58 20.59 -4.55
C ASN A 209 14.32 22.07 -4.26
N PRO A 210 15.29 22.96 -4.58
CA PRO A 210 15.11 24.37 -4.27
C PRO A 210 13.96 25.03 -5.04
N LEU A 211 13.46 24.40 -6.11
CA LEU A 211 12.39 24.96 -6.90
C LEU A 211 11.02 24.43 -6.42
N TYR A 212 10.98 23.63 -5.35
CA TYR A 212 9.71 23.16 -4.73
C TYR A 212 8.92 24.37 -4.24
N TRP A 213 7.60 24.40 -4.49
CA TRP A 213 6.81 25.60 -4.24
C TRP A 213 6.93 25.96 -2.75
N ASN A 214 7.09 24.96 -1.89
CA ASN A 214 7.10 25.19 -0.46
C ASN A 214 8.51 24.94 0.13
N ASP A 215 9.56 25.10 -0.68
CA ASP A 215 10.92 24.85 -0.20
C ASP A 215 11.24 25.65 1.08
N LYS A 216 10.66 26.84 1.22
CA LYS A 216 10.97 27.66 2.39
C LYS A 216 10.50 27.02 3.70
N GLU A 217 9.63 26.01 3.67
CA GLU A 217 9.16 25.37 4.89
C GLU A 217 9.81 23.98 5.08
N THR A 218 10.55 23.53 4.08
CA THR A 218 11.28 22.26 4.16
C THR A 218 12.52 22.40 5.05
N VAL A 219 12.72 21.46 5.98
CA VAL A 219 13.80 21.57 6.95
C VAL A 219 14.95 20.61 6.61
N ILE A 220 14.63 19.34 6.33
CA ILE A 220 15.63 18.32 6.00
C ILE A 220 16.28 18.71 4.70
N ASN A 221 17.62 18.77 4.74
CA ASN A 221 18.44 19.14 3.60
C ASN A 221 18.75 17.92 2.72
N SER A 222 18.97 16.75 3.32
CA SER A 222 19.37 15.57 2.56
C SER A 222 19.00 14.31 3.35
N ALA A 223 18.80 13.20 2.64
CA ALA A 223 18.40 12.01 3.27
C ALA A 223 18.96 10.85 2.49
N THR A 224 19.15 9.72 3.18
CA THR A 224 19.47 8.47 2.58
C THR A 224 18.36 7.47 2.91
N PHE A 225 17.87 6.77 1.87
CA PHE A 225 17.04 5.57 2.03
C PHE A 225 17.92 4.32 1.83
N LEU A 226 17.95 3.44 2.83
CA LEU A 226 18.60 2.13 2.73
C LEU A 226 17.60 1.07 2.27
N ALA A 227 18.13 -0.11 1.91
CA ALA A 227 17.32 -1.22 1.43
C ALA A 227 17.66 -2.48 2.22
N ILE A 228 17.38 -2.43 3.52
CA ILE A 228 17.70 -3.50 4.43
C ILE A 228 16.44 -4.34 4.60
N GLU A 229 16.53 -5.61 4.18
CA GLU A 229 15.39 -6.48 4.01
C GLU A 229 14.90 -7.04 5.36
N ASN A 230 15.85 -7.27 6.30
CA ASN A 230 15.58 -8.01 7.54
C ASN A 230 15.51 -7.07 8.73
N PRO A 231 14.37 -7.08 9.46
CA PRO A 231 14.18 -6.21 10.62
C PRO A 231 15.34 -6.26 11.64
N SER A 232 15.89 -7.45 11.86
CA SER A 232 16.99 -7.57 12.77
C SER A 232 18.22 -6.78 12.29
N THR A 233 18.48 -6.76 10.97
CA THR A 233 19.60 -5.99 10.43
C THR A 233 19.34 -4.49 10.56
N ASP A 234 18.08 -4.10 10.35
CA ASP A 234 17.59 -2.72 10.48
C ASP A 234 17.87 -2.21 11.90
N VAL A 235 17.42 -2.98 12.92
CA VAL A 235 17.63 -2.64 14.30
C VAL A 235 19.14 -2.57 14.63
N ALA A 236 19.92 -3.52 14.14
CA ALA A 236 21.39 -3.51 14.39
C ALA A 236 22.04 -2.22 13.86
N ARG A 237 21.65 -1.78 12.66
CA ARG A 237 22.18 -0.51 12.09
C ARG A 237 21.72 0.70 12.93
N TYR A 238 20.46 0.68 13.37
CA TYR A 238 19.93 1.73 14.21
C TYR A 238 20.76 1.85 15.51
N ARG A 239 21.00 0.72 16.18
CA ARG A 239 21.69 0.77 17.49
C ARG A 239 23.18 1.09 17.33
N ALA A 240 23.76 0.81 16.17
CA ALA A 240 25.12 1.21 15.86
C ALA A 240 25.18 2.71 15.57
N GLY A 241 24.00 3.37 15.54
CA GLY A 241 23.86 4.78 15.21
C GLY A 241 24.08 5.12 13.74
N ASP A 242 23.84 4.16 12.83
CA ASP A 242 24.10 4.37 11.42
C ASP A 242 22.81 4.54 10.63
N LEU A 243 21.64 4.50 11.27
CA LEU A 243 20.41 4.96 10.64
C LEU A 243 19.51 5.52 11.74
N ASP A 244 18.54 6.36 11.34
CA ASP A 244 17.75 7.22 12.26
C ASP A 244 16.32 6.73 12.44
N MET A 245 15.79 5.99 11.46
CA MET A 245 14.43 5.50 11.48
C MET A 245 14.42 4.15 10.77
N THR A 246 13.88 3.13 11.45
CA THR A 246 13.76 1.80 10.85
C THR A 246 12.61 1.81 9.87
N SER A 247 12.53 0.72 9.09
CA SER A 247 11.27 0.40 8.41
C SER A 247 10.26 -0.10 9.44
N TYR A 248 9.07 -0.49 8.96
CA TYR A 248 7.92 -0.74 9.90
C TYR A 248 7.82 -2.22 10.31
N GLY A 249 8.97 -2.87 10.48
CA GLY A 249 9.07 -4.21 11.08
C GLY A 249 10.19 -4.24 12.11
N LEU A 250 9.92 -4.88 13.26
CA LEU A 250 10.92 -5.12 14.29
C LEU A 250 10.89 -6.59 14.66
N PRO A 251 12.04 -7.17 15.08
CA PRO A 251 12.13 -8.58 15.47
C PRO A 251 11.26 -8.87 16.69
N PRO A 252 10.27 -9.81 16.60
CA PRO A 252 9.34 -10.04 17.70
C PRO A 252 10.08 -10.36 19.01
N GLU A 253 11.21 -11.05 18.91
CA GLU A 253 11.88 -11.62 20.08
C GLU A 253 12.69 -10.53 20.81
N GLN A 254 12.96 -9.42 20.11
CA GLN A 254 13.67 -8.29 20.66
C GLN A 254 12.75 -7.17 21.14
N PHE A 255 11.46 -7.23 20.77
CA PHE A 255 10.51 -6.13 20.92
C PHE A 255 10.40 -5.63 22.37
N ALA A 256 10.18 -6.55 23.32
CA ALA A 256 10.03 -6.21 24.77
C ALA A 256 11.27 -5.48 25.27
N LYS A 257 12.44 -6.06 25.03
CA LYS A 257 13.68 -5.47 25.49
C LYS A 257 13.92 -4.08 24.83
N LEU A 258 13.57 -3.94 23.55
CA LEU A 258 13.74 -2.66 22.88
C LEU A 258 12.88 -1.59 23.56
N LYS A 259 11.65 -1.92 23.93
CA LYS A 259 10.81 -0.93 24.63
C LYS A 259 11.42 -0.52 25.97
N LYS A 260 12.09 -1.45 26.65
CA LYS A 260 12.63 -1.19 27.97
C LYS A 260 13.84 -0.24 27.85
N GLU A 261 14.75 -0.55 26.92
CA GLU A 261 16.06 0.13 26.76
C GLU A 261 15.98 1.42 25.93
N LEU A 262 15.06 1.52 24.97
CA LEU A 262 15.02 2.66 24.06
C LEU A 262 13.75 3.47 24.34
N LEU A 263 13.69 4.11 25.51
CA LEU A 263 12.45 4.79 25.94
C LEU A 263 12.12 5.99 25.04
N GLY A 264 10.90 5.99 24.50
CA GLY A 264 10.41 7.03 23.62
C GLY A 264 10.93 6.90 22.20
N GLU A 265 11.65 5.82 21.88
CA GLU A 265 12.16 5.57 20.53
C GLU A 265 11.32 4.51 19.78
N VAL A 266 10.50 3.75 20.53
CA VAL A 266 9.70 2.69 19.93
C VAL A 266 8.32 3.25 19.63
N TYR A 267 7.98 3.36 18.34
CA TYR A 267 6.66 3.77 17.91
C TYR A 267 5.89 2.56 17.37
N VAL A 268 4.60 2.51 17.70
CA VAL A 268 3.72 1.51 17.13
C VAL A 268 2.49 2.23 16.60
N THR A 269 2.38 2.30 15.26
CA THR A 269 1.22 2.90 14.62
C THR A 269 0.23 1.80 14.27
N ARG A 270 -1.03 2.01 14.67
CA ARG A 270 -2.17 1.22 14.24
C ARG A 270 -2.57 1.66 12.82
N THR A 271 -2.40 0.78 11.84
CA THR A 271 -2.55 1.20 10.46
C THR A 271 -3.71 0.44 9.83
N LEU A 272 -4.18 1.00 8.70
CA LEU A 272 -5.24 0.41 7.92
C LEU A 272 -4.62 -0.55 6.92
N GLY A 273 -4.29 -1.76 7.41
CA GLY A 273 -3.62 -2.76 6.66
C GLY A 273 -4.10 -4.16 7.02
N THR A 274 -3.96 -5.06 6.05
CA THR A 274 -4.30 -6.49 6.22
C THR A 274 -3.20 -7.34 5.59
N TYR A 275 -2.71 -8.29 6.42
CA TYR A 275 -1.74 -9.28 6.07
C TYR A 275 -2.52 -10.57 5.78
N SER A 276 -2.29 -11.15 4.61
CA SER A 276 -3.01 -12.29 4.12
C SER A 276 -2.05 -13.26 3.47
N TYR A 277 -2.53 -14.50 3.28
CA TYR A 277 -1.97 -15.34 2.26
C TYR A 277 -2.95 -15.38 1.10
N GLU A 278 -2.49 -14.90 -0.04
CA GLU A 278 -3.30 -14.87 -1.25
C GLU A 278 -3.25 -16.25 -1.89
N LEU A 279 -4.41 -16.80 -2.24
CA LEU A 279 -4.50 -18.08 -3.00
C LEU A 279 -4.64 -17.76 -4.48
N ASN A 280 -3.86 -18.44 -5.34
CA ASN A 280 -3.99 -18.31 -6.78
C ASN A 280 -5.27 -19.04 -7.23
N ASN A 281 -6.35 -18.29 -7.40
CA ASN A 281 -7.68 -18.86 -7.65
C ASN A 281 -7.79 -19.54 -9.02
N LYS A 282 -6.85 -19.30 -9.94
CA LYS A 282 -6.93 -19.93 -11.26
C LYS A 282 -5.88 -21.04 -11.42
N LYS A 283 -5.16 -21.38 -10.34
CA LYS A 283 -4.18 -22.45 -10.40
C LYS A 283 -4.63 -23.62 -9.51
N ALA A 284 -4.66 -24.82 -10.12
CA ALA A 284 -4.94 -26.07 -9.42
C ALA A 284 -3.91 -26.27 -8.33
N PRO A 285 -4.30 -26.70 -7.11
CA PRO A 285 -5.70 -27.00 -6.76
C PRO A 285 -6.52 -25.91 -6.07
N PHE A 286 -6.04 -24.66 -6.08
CA PHE A 286 -6.69 -23.58 -5.33
C PHE A 286 -7.87 -22.99 -6.10
N ASP A 287 -8.14 -23.51 -7.30
CA ASP A 287 -9.39 -23.24 -7.99
C ASP A 287 -10.56 -23.97 -7.31
N ASN A 288 -10.23 -24.90 -6.38
CA ASN A 288 -11.21 -25.69 -5.67
C ASN A 288 -11.58 -24.97 -4.37
N VAL A 289 -12.82 -24.46 -4.27
CA VAL A 289 -13.32 -23.73 -3.07
C VAL A 289 -13.15 -24.57 -1.79
N ASN A 290 -13.29 -25.90 -1.89
CA ASN A 290 -13.23 -26.78 -0.74
C ASN A 290 -11.82 -26.73 -0.10
N ILE A 291 -10.78 -26.71 -0.92
CA ILE A 291 -9.39 -26.62 -0.47
C ILE A 291 -9.10 -25.21 0.11
N ARG A 292 -9.59 -24.15 -0.56
CA ARG A 292 -9.44 -22.77 -0.04
C ARG A 292 -10.10 -22.68 1.34
N LYS A 293 -11.27 -23.33 1.48
CA LYS A 293 -11.97 -23.33 2.76
C LYS A 293 -11.17 -24.09 3.83
N ALA A 294 -10.61 -25.25 3.45
CA ALA A 294 -9.80 -26.06 4.38
C ALA A 294 -8.65 -25.23 4.97
N LEU A 295 -7.96 -24.47 4.10
CA LEU A 295 -6.76 -23.71 4.53
C LEU A 295 -7.16 -22.60 5.53
N ASN A 296 -8.31 -21.98 5.28
CA ASN A 296 -8.83 -20.95 6.18
C ASN A 296 -9.23 -21.53 7.54
N LEU A 297 -9.93 -22.67 7.55
CA LEU A 297 -10.38 -23.30 8.79
C LEU A 297 -9.18 -23.68 9.67
N SER A 298 -8.09 -24.17 9.05
CA SER A 298 -7.03 -24.86 9.76
C SER A 298 -5.88 -23.91 10.17
N LEU A 299 -5.96 -22.62 9.80
CA LEU A 299 -4.91 -21.65 10.19
C LEU A 299 -5.40 -20.89 11.41
N ASP A 300 -4.70 -21.05 12.52
CA ASP A 300 -5.02 -20.37 13.75
C ASP A 300 -4.28 -19.02 13.72
N ARG A 301 -5.08 -17.95 13.54
CA ARG A 301 -4.61 -16.57 13.47
C ARG A 301 -3.97 -16.17 14.81
N ASN A 302 -4.55 -16.60 15.93
CA ASN A 302 -4.06 -16.15 17.26
C ASN A 302 -2.61 -16.60 17.48
N VAL A 303 -2.20 -17.72 16.91
CA VAL A 303 -0.86 -18.20 17.06
C VAL A 303 0.09 -17.18 16.42
N ILE A 304 -0.27 -16.68 15.23
CA ILE A 304 0.58 -15.71 14.56
C ILE A 304 0.59 -14.38 15.33
N THR A 305 -0.57 -13.86 15.72
CA THR A 305 -0.60 -12.54 16.24
C THR A 305 -0.06 -12.52 17.67
N ASP A 306 -0.31 -13.58 18.45
CA ASP A 306 -0.02 -13.54 19.90
C ASP A 306 1.33 -14.19 20.18
N LYS A 307 1.67 -15.25 19.45
CA LYS A 307 2.80 -16.06 19.80
C LYS A 307 3.96 -15.80 18.84
N VAL A 308 3.72 -15.48 17.57
CA VAL A 308 4.85 -15.31 16.63
C VAL A 308 5.29 -13.84 16.62
N LEU A 309 4.31 -12.94 16.59
CA LEU A 309 4.59 -11.50 16.43
C LEU A 309 4.44 -10.80 17.80
N GLY A 310 3.21 -10.70 18.31
CA GLY A 310 2.91 -10.18 19.64
C GLY A 310 3.20 -8.69 19.82
N GLN A 311 3.01 -7.89 18.76
CA GLN A 311 3.39 -6.48 18.79
C GLN A 311 2.13 -5.63 18.74
N GLY A 312 0.97 -6.28 18.74
CA GLY A 312 -0.29 -5.57 18.69
C GLY A 312 -1.05 -5.85 17.41
N GLN A 313 -0.50 -6.69 16.52
CA GLN A 313 -1.26 -7.16 15.37
C GLN A 313 -2.51 -7.89 15.90
N THR A 314 -3.66 -7.70 15.24
CA THR A 314 -4.92 -8.29 15.68
C THR A 314 -5.45 -9.27 14.63
N PRO A 315 -5.94 -10.44 15.06
CA PRO A 315 -6.36 -11.46 14.11
C PRO A 315 -7.55 -10.96 13.28
N THR A 316 -7.60 -11.35 12.02
CA THR A 316 -8.77 -11.03 11.21
C THR A 316 -9.08 -12.20 10.26
N TYR A 317 -10.33 -12.24 9.82
CA TYR A 317 -10.80 -13.32 8.91
C TYR A 317 -11.46 -12.73 7.67
N VAL A 318 -11.33 -11.41 7.49
CA VAL A 318 -11.87 -10.66 6.34
C VAL A 318 -10.76 -9.78 5.75
N PHE A 319 -10.95 -9.32 4.52
CA PHE A 319 -9.90 -8.54 3.87
C PHE A 319 -9.89 -7.11 4.40
N THR A 320 -11.07 -6.48 4.44
CA THR A 320 -11.21 -5.09 4.86
C THR A 320 -11.01 -4.96 6.37
N PRO A 321 -10.15 -4.03 6.87
CA PRO A 321 -10.10 -3.73 8.31
C PRO A 321 -11.45 -3.10 8.70
N THR A 322 -12.11 -3.68 9.70
CA THR A 322 -13.50 -3.29 10.01
C THR A 322 -13.55 -1.89 10.65
N TYR A 323 -12.41 -1.37 11.11
CA TYR A 323 -12.32 -0.06 11.75
C TYR A 323 -12.06 1.05 10.71
N ILE A 324 -11.90 0.72 9.43
CA ILE A 324 -11.80 1.73 8.36
C ILE A 324 -13.16 2.41 8.22
N GLU A 325 -13.16 3.63 7.70
CA GLU A 325 -14.36 4.39 7.53
C GLU A 325 -15.27 3.65 6.53
N GLU A 326 -16.53 3.50 6.95
CA GLU A 326 -17.61 2.81 6.24
C GLU A 326 -17.37 1.30 6.22
N GLY A 327 -16.49 0.81 7.09
CA GLY A 327 -16.22 -0.64 7.18
C GLY A 327 -16.97 -1.30 8.33
N HIS A 328 -17.80 -0.53 9.05
CA HIS A 328 -18.23 -0.96 10.38
C HIS A 328 -19.28 -2.09 10.30
N LEU A 329 -19.92 -2.31 9.15
CA LEU A 329 -20.98 -3.36 9.09
C LEU A 329 -20.40 -4.69 8.59
N ILE A 330 -19.11 -4.73 8.20
CA ILE A 330 -18.43 -5.98 7.85
C ILE A 330 -18.35 -6.88 9.08
N GLN A 331 -18.71 -8.15 8.90
CA GLN A 331 -18.81 -9.18 9.95
C GLN A 331 -17.69 -10.19 9.79
N GLN A 332 -17.09 -10.65 10.90
CA GLN A 332 -16.17 -11.76 10.86
C GLN A 332 -17.01 -13.01 10.60
N PRO A 333 -16.54 -13.96 9.77
CA PRO A 333 -17.32 -15.16 9.43
C PRO A 333 -17.55 -16.07 10.65
N ALA A 334 -18.61 -16.88 10.58
CA ALA A 334 -19.08 -17.78 11.67
C ALA A 334 -17.96 -18.72 12.16
N TYR A 335 -17.20 -19.29 11.21
CA TYR A 335 -16.17 -20.27 11.53
C TYR A 335 -15.10 -19.67 12.46
N SER A 336 -14.90 -18.35 12.41
CA SER A 336 -13.91 -17.69 13.26
C SER A 336 -14.29 -17.85 14.73
N LYS A 337 -15.56 -18.12 15.03
CA LYS A 337 -16.02 -18.27 16.41
C LYS A 337 -16.16 -19.75 16.82
N GLU A 338 -15.78 -20.72 15.95
CA GLU A 338 -15.75 -22.17 16.30
C GLU A 338 -14.43 -22.54 16.98
N PRO A 339 -14.39 -23.49 17.94
CA PRO A 339 -13.11 -23.93 18.49
C PRO A 339 -12.23 -24.54 17.38
N MET A 340 -10.90 -24.46 17.55
CA MET A 340 -10.00 -24.97 16.52
C MET A 340 -10.23 -26.48 16.28
N ALA A 341 -10.68 -27.21 17.31
CA ALA A 341 -10.84 -28.66 17.16
C ALA A 341 -11.89 -28.95 16.09
N GLN A 342 -13.01 -28.23 16.15
CA GLN A 342 -14.09 -28.33 15.18
C GLN A 342 -13.61 -27.92 13.76
N ARG A 343 -12.85 -26.81 13.69
CA ARG A 343 -12.38 -26.26 12.43
C ARG A 343 -11.44 -27.27 11.79
N ASN A 344 -10.56 -27.85 12.60
CA ASN A 344 -9.55 -28.77 12.10
C ASN A 344 -10.21 -30.05 11.58
N GLU A 345 -11.24 -30.53 12.29
CA GLU A 345 -12.03 -31.72 11.87
C GLU A 345 -12.63 -31.47 10.49
N GLU A 346 -13.27 -30.29 10.33
CA GLU A 346 -13.94 -29.94 9.08
C GLU A 346 -12.90 -29.86 7.97
N ALA A 347 -11.72 -29.30 8.27
CA ALA A 347 -10.66 -29.11 7.25
C ALA A 347 -10.12 -30.46 6.76
N ILE A 348 -9.91 -31.39 7.71
CA ILE A 348 -9.38 -32.72 7.36
C ILE A 348 -10.39 -33.42 6.44
N LYS A 349 -11.69 -33.32 6.76
CA LYS A 349 -12.70 -33.95 5.91
C LYS A 349 -12.61 -33.38 4.49
N LEU A 350 -12.58 -32.04 4.36
CA LEU A 350 -12.51 -31.42 3.05
C LEU A 350 -11.26 -31.90 2.30
N LEU A 351 -10.14 -32.09 3.00
CA LEU A 351 -8.92 -32.44 2.29
C LEU A 351 -8.94 -33.93 1.86
N GLU A 352 -9.58 -34.79 2.65
CA GLU A 352 -9.69 -36.21 2.34
C GLU A 352 -10.62 -36.35 1.13
N GLU A 353 -11.68 -35.55 1.12
CA GLU A 353 -12.66 -35.56 0.04
C GLU A 353 -11.97 -35.15 -1.26
N ALA A 354 -10.92 -34.32 -1.14
CA ALA A 354 -10.16 -33.84 -2.27
C ALA A 354 -8.96 -34.76 -2.56
N GLY A 355 -8.85 -35.89 -1.87
CA GLY A 355 -7.88 -36.94 -2.24
C GLY A 355 -6.51 -36.77 -1.60
N TYR A 356 -6.41 -36.05 -0.47
CA TYR A 356 -5.14 -35.96 0.23
C TYR A 356 -5.13 -36.92 1.43
N SER A 357 -3.92 -37.31 1.82
CA SER A 357 -3.66 -38.19 2.97
C SER A 357 -2.26 -37.88 3.49
N LYS A 358 -1.84 -38.54 4.56
CA LYS A 358 -0.48 -38.34 5.12
C LYS A 358 0.58 -38.79 4.11
N ALA A 359 0.28 -39.85 3.35
CA ALA A 359 1.18 -40.38 2.35
C ALA A 359 1.17 -39.51 1.09
N ASN A 360 0.06 -38.83 0.81
CA ASN A 360 -0.09 -38.04 -0.43
C ASN A 360 -0.67 -36.68 -0.01
N PRO A 361 0.10 -35.84 0.70
CA PRO A 361 -0.47 -34.61 1.21
C PRO A 361 -0.58 -33.56 0.11
N LEU A 362 -1.36 -32.55 0.40
CA LEU A 362 -1.39 -31.31 -0.40
C LEU A 362 -0.05 -30.56 -0.22
N LYS A 363 0.72 -30.42 -1.29
CA LYS A 363 1.99 -29.78 -1.32
C LYS A 363 1.89 -28.48 -2.12
N PHE A 364 2.49 -27.41 -1.58
CA PHE A 364 2.58 -26.11 -2.23
C PHE A 364 3.65 -25.32 -1.51
N SER A 365 4.06 -24.19 -2.11
CA SER A 365 5.04 -23.27 -1.59
C SER A 365 4.34 -21.95 -1.21
N ILE A 366 4.79 -21.37 -0.09
CA ILE A 366 4.45 -20.00 0.24
C ILE A 366 5.56 -19.12 -0.35
N LEU A 367 5.17 -18.27 -1.30
CA LEU A 367 6.03 -17.24 -1.83
C LEU A 367 5.95 -16.02 -0.92
N TYR A 368 7.13 -15.49 -0.55
CA TYR A 368 7.21 -14.28 0.28
C TYR A 368 8.48 -13.52 -0.12
N ASN A 369 8.46 -12.20 0.15
CA ASN A 369 9.59 -11.36 -0.11
C ASN A 369 10.56 -11.54 1.08
N THR A 370 11.85 -11.70 0.76
CA THR A 370 12.92 -11.91 1.71
C THR A 370 12.81 -10.90 2.87
N ASN A 371 12.62 -11.45 4.06
CA ASN A 371 12.34 -10.72 5.26
C ASN A 371 12.18 -11.79 6.32
N GLU A 372 13.00 -11.72 7.39
CA GLU A 372 13.06 -12.75 8.42
C GLU A 372 11.72 -12.83 9.15
N ASN A 373 11.01 -11.69 9.35
CA ASN A 373 9.68 -11.71 10.00
C ASN A 373 8.66 -12.48 9.14
N HIS A 374 8.69 -12.31 7.80
CA HIS A 374 7.76 -13.08 6.94
C HIS A 374 8.08 -14.57 6.97
N LYS A 375 9.37 -14.89 7.05
CA LYS A 375 9.82 -16.24 7.18
C LYS A 375 9.26 -16.87 8.45
N LYS A 376 9.30 -16.14 9.57
CA LYS A 376 8.81 -16.66 10.81
C LYS A 376 7.31 -16.96 10.67
N VAL A 377 6.58 -16.06 10.06
CA VAL A 377 5.13 -16.24 9.94
C VAL A 377 4.84 -17.43 9.00
N ALA A 378 5.62 -17.57 7.93
CA ALA A 378 5.43 -18.65 6.99
C ALA A 378 5.75 -20.01 7.63
N ILE A 379 6.84 -20.09 8.39
CA ILE A 379 7.18 -21.31 9.15
C ILE A 379 6.04 -21.67 10.10
N ALA A 380 5.55 -20.70 10.87
CA ALA A 380 4.44 -21.01 11.77
C ALA A 380 3.20 -21.48 10.98
N ALA A 381 2.96 -20.90 9.80
CA ALA A 381 1.79 -21.27 9.02
C ALA A 381 1.96 -22.70 8.50
N ALA A 382 3.13 -23.01 7.95
CA ALA A 382 3.50 -24.29 7.42
C ALA A 382 3.31 -25.36 8.49
N SER A 383 3.82 -25.03 9.69
CA SER A 383 3.82 -25.92 10.83
C SER A 383 2.39 -26.16 11.29
N MET A 384 1.59 -25.10 11.41
CA MET A 384 0.18 -25.22 11.81
C MET A 384 -0.65 -26.03 10.80
N TRP A 385 -0.46 -25.76 9.51
CA TRP A 385 -1.27 -26.44 8.50
C TRP A 385 -0.95 -27.95 8.48
N LYS A 386 0.31 -28.33 8.71
CA LYS A 386 0.66 -29.74 8.82
C LYS A 386 0.05 -30.38 10.08
N ALA A 387 0.28 -29.79 11.27
CA ALA A 387 -0.13 -30.43 12.51
C ALA A 387 -1.67 -30.42 12.61
N ASN A 388 -2.32 -29.31 12.25
CA ASN A 388 -3.76 -29.17 12.46
C ASN A 388 -4.53 -30.12 11.52
N THR A 389 -3.93 -30.55 10.41
CA THR A 389 -4.60 -31.45 9.46
C THR A 389 -3.99 -32.86 9.52
N LYS A 390 -3.21 -33.14 10.57
CA LYS A 390 -2.62 -34.42 10.82
C LYS A 390 -1.86 -34.90 9.58
N GLY A 391 -1.00 -34.04 9.04
CA GLY A 391 -0.06 -34.47 8.00
C GLY A 391 -0.62 -34.37 6.58
N LEU A 392 -1.81 -33.78 6.40
CA LEU A 392 -2.44 -33.75 5.02
C LEU A 392 -2.03 -32.53 4.18
N ILE A 393 -1.33 -31.57 4.79
CA ILE A 393 -0.69 -30.46 4.07
C ILE A 393 0.82 -30.45 4.37
N ASP A 394 1.63 -30.28 3.32
CA ASP A 394 3.06 -30.22 3.45
C ASP A 394 3.57 -29.01 2.66
N VAL A 395 4.03 -27.99 3.39
CA VAL A 395 4.28 -26.64 2.82
C VAL A 395 5.78 -26.40 2.69
N LYS A 396 6.24 -25.93 1.52
CA LYS A 396 7.62 -25.42 1.33
C LYS A 396 7.57 -23.89 1.36
N LEU A 397 8.71 -23.28 1.69
CA LEU A 397 8.91 -21.84 1.71
C LEU A 397 9.71 -21.45 0.48
N GLU A 398 9.32 -20.36 -0.19
CA GLU A 398 10.16 -19.76 -1.20
C GLU A 398 10.21 -18.25 -1.01
N ASN A 399 11.42 -17.72 -0.79
CA ASN A 399 11.64 -16.30 -0.64
C ASN A 399 12.19 -15.76 -1.96
N GLN A 400 11.70 -14.59 -2.36
CA GLN A 400 12.29 -13.87 -3.47
C GLN A 400 12.53 -12.41 -3.03
N GLU A 401 13.58 -11.82 -3.61
CA GLU A 401 13.77 -10.40 -3.53
C GLU A 401 12.46 -9.67 -3.93
N TRP A 402 12.22 -8.50 -3.34
CA TRP A 402 10.98 -7.72 -3.47
C TRP A 402 10.51 -7.64 -4.93
N LYS A 403 11.40 -7.24 -5.84
CA LYS A 403 11.06 -6.91 -7.21
C LYS A 403 10.60 -8.17 -7.93
N THR A 404 11.32 -9.25 -7.65
CA THR A 404 11.07 -10.56 -8.25
C THR A 404 9.74 -11.07 -7.70
N TYR A 405 9.54 -10.91 -6.39
CA TYR A 405 8.32 -11.35 -5.69
C TYR A 405 7.08 -10.69 -6.28
N ILE A 406 7.14 -9.35 -6.49
CA ILE A 406 6.04 -8.60 -7.10
C ILE A 406 5.77 -9.14 -8.50
N ASP A 407 6.83 -9.30 -9.31
CA ASP A 407 6.70 -9.86 -10.67
C ASP A 407 6.05 -11.23 -10.61
N SER A 408 6.53 -12.10 -9.71
CA SER A 408 5.98 -13.46 -9.60
C SER A 408 4.48 -13.41 -9.28
N ARG A 409 4.07 -12.57 -8.34
CA ARG A 409 2.63 -12.49 -8.00
C ARG A 409 1.80 -11.97 -9.21
N ARG A 410 2.34 -10.98 -9.91
CA ARG A 410 1.58 -10.35 -11.03
C ARG A 410 1.49 -11.33 -12.20
N ALA A 411 2.52 -12.18 -12.37
CA ALA A 411 2.56 -13.14 -13.44
C ALA A 411 1.81 -14.42 -13.07
N GLY A 412 1.28 -14.56 -11.86
CA GLY A 412 0.50 -15.78 -11.49
C GLY A 412 1.39 -16.99 -11.23
N ARG A 413 2.71 -16.77 -11.05
CA ARG A 413 3.71 -17.82 -10.86
C ARG A 413 3.86 -18.06 -9.37
N TYR A 414 2.78 -18.56 -8.77
CA TYR A 414 2.75 -18.84 -7.35
C TYR A 414 1.51 -19.70 -7.08
N ASP A 415 1.57 -20.45 -5.96
CA ASP A 415 0.47 -21.19 -5.36
C ASP A 415 -0.23 -20.30 -4.33
N VAL A 416 0.52 -20.01 -3.25
CA VAL A 416 0.11 -19.18 -2.13
C VAL A 416 1.19 -18.11 -1.94
N ALA A 417 0.79 -16.84 -1.80
CA ALA A 417 1.75 -15.76 -1.61
C ALA A 417 1.39 -14.93 -0.39
N ARG A 418 2.41 -14.59 0.39
CA ARG A 418 2.26 -13.58 1.40
C ARG A 418 1.88 -12.28 0.69
N ALA A 419 0.90 -11.58 1.28
CA ALA A 419 0.38 -10.33 0.73
C ALA A 419 -0.05 -9.37 1.85
N GLY A 420 0.52 -8.18 1.83
CA GLY A 420 0.06 -7.11 2.67
C GLY A 420 -0.56 -6.01 1.81
N TRP A 421 -1.75 -5.59 2.20
CA TRP A 421 -2.42 -4.46 1.55
C TRP A 421 -2.62 -3.36 2.58
N HIS A 422 -2.06 -2.18 2.25
CA HIS A 422 -2.21 -0.96 3.06
C HIS A 422 -3.14 -0.01 2.32
N ALA A 423 -4.03 0.64 3.07
CA ALA A 423 -5.03 1.53 2.50
C ALA A 423 -4.39 2.60 1.61
N ASP A 424 -4.95 2.81 0.42
CA ASP A 424 -4.54 3.93 -0.43
C ASP A 424 -5.24 5.22 0.01
N TYR A 425 -6.36 5.11 0.72
CA TYR A 425 -7.14 6.22 1.25
C TYR A 425 -8.04 5.67 2.35
N ASN A 426 -8.51 6.53 3.25
CA ASN A 426 -9.10 6.10 4.48
C ASN A 426 -10.60 5.86 4.30
N GLN A 427 -10.96 4.92 3.41
CA GLN A 427 -12.35 4.53 3.18
C GLN A 427 -12.36 3.10 2.58
N ALA A 428 -13.43 2.36 2.93
CA ALA A 428 -13.52 0.88 2.75
C ALA A 428 -13.16 0.40 1.32
N THR A 429 -13.49 1.18 0.29
CA THR A 429 -13.38 0.72 -1.10
C THR A 429 -11.91 0.55 -1.49
N THR A 430 -10.97 1.10 -0.71
CA THR A 430 -9.56 0.87 -0.99
C THR A 430 -9.27 -0.64 -0.83
N PHE A 431 -10.03 -1.32 0.05
CA PHE A 431 -9.94 -2.81 0.13
C PHE A 431 -10.93 -3.48 -0.81
N GLY A 432 -12.19 -3.05 -0.80
CA GLY A 432 -13.20 -3.74 -1.58
C GLY A 432 -12.87 -3.73 -3.05
N ASN A 433 -12.29 -2.63 -3.53
CA ASN A 433 -12.06 -2.49 -4.97
C ASN A 433 -11.03 -3.51 -5.45
N TYR A 434 -10.17 -3.98 -4.51
CA TYR A 434 -9.06 -4.88 -4.81
C TYR A 434 -9.52 -6.17 -5.49
N PHE A 435 -10.69 -6.69 -5.08
CA PHE A 435 -11.18 -7.99 -5.51
C PHE A 435 -12.26 -7.90 -6.62
N LEU A 436 -12.47 -6.73 -7.20
CA LEU A 436 -13.27 -6.63 -8.42
C LEU A 436 -12.63 -7.50 -9.51
N SER A 437 -13.45 -8.12 -10.36
CA SER A 437 -12.99 -9.10 -11.35
C SER A 437 -11.93 -8.48 -12.23
N ASN A 438 -12.13 -7.21 -12.60
CA ASN A 438 -11.32 -6.53 -13.57
C ASN A 438 -10.27 -5.62 -12.91
N SER A 439 -10.03 -5.73 -11.60
CA SER A 439 -9.03 -4.86 -10.93
C SER A 439 -7.59 -5.22 -11.31
N SER A 440 -6.79 -4.24 -11.75
CA SER A 440 -5.37 -4.48 -12.07
C SER A 440 -4.56 -4.85 -10.81
N ASN A 441 -5.14 -4.68 -9.60
CA ASN A 441 -4.50 -5.03 -8.36
C ASN A 441 -4.77 -6.49 -7.95
N ASN A 442 -5.73 -7.15 -8.60
CA ASN A 442 -6.26 -8.47 -8.19
C ASN A 442 -5.33 -9.58 -8.68
N THR A 443 -4.22 -9.83 -7.95
CA THR A 443 -3.23 -10.83 -8.38
C THR A 443 -3.67 -12.25 -8.00
N ALA A 444 -4.66 -12.34 -7.09
CA ALA A 444 -5.33 -13.55 -6.68
C ALA A 444 -6.12 -14.21 -7.83
N LYS A 445 -6.50 -13.42 -8.83
CA LYS A 445 -7.35 -13.86 -9.95
C LYS A 445 -8.72 -14.29 -9.42
N TYR A 446 -9.19 -13.64 -8.38
CA TYR A 446 -10.53 -13.84 -7.88
C TYR A 446 -11.51 -13.12 -8.81
N ALA A 447 -12.62 -13.80 -9.16
CA ALA A 447 -13.66 -13.19 -10.04
C ALA A 447 -15.03 -13.79 -9.71
N ASN A 448 -15.89 -13.01 -9.07
CA ASN A 448 -17.26 -13.37 -8.84
C ASN A 448 -18.14 -12.21 -9.31
N PRO A 449 -18.99 -12.37 -10.34
CA PRO A 449 -19.83 -11.27 -10.81
C PRO A 449 -20.78 -10.78 -9.70
N GLU A 450 -21.07 -11.65 -8.71
CA GLU A 450 -21.89 -11.25 -7.58
C GLU A 450 -21.12 -10.31 -6.65
N TYR A 451 -19.80 -10.51 -6.51
CA TYR A 451 -18.97 -9.56 -5.72
C TYR A 451 -18.99 -8.18 -6.40
N ASP A 452 -18.70 -8.17 -7.70
CA ASP A 452 -18.72 -6.96 -8.50
C ASP A 452 -20.07 -6.24 -8.38
N LYS A 453 -21.19 -6.98 -8.42
CA LYS A 453 -22.53 -6.34 -8.31
C LYS A 453 -22.75 -5.73 -6.93
N ALA A 454 -22.31 -6.39 -5.86
CA ALA A 454 -22.47 -5.86 -4.50
C ALA A 454 -21.68 -4.54 -4.38
N MET A 455 -20.45 -4.53 -4.87
CA MET A 455 -19.65 -3.34 -4.85
C MET A 455 -20.34 -2.23 -5.66
N ALA A 456 -20.90 -2.57 -6.82
CA ALA A 456 -21.53 -1.58 -7.71
C ALA A 456 -22.73 -0.91 -7.00
N GLU A 457 -23.41 -1.61 -6.10
CA GLU A 457 -24.57 -1.04 -5.37
C GLU A 457 -24.16 0.15 -4.50
N SER A 458 -22.91 0.22 -4.06
CA SER A 458 -22.45 1.31 -3.21
C SER A 458 -22.67 2.68 -3.87
N TYR A 459 -22.54 2.76 -5.21
CA TYR A 459 -22.67 4.00 -5.97
C TYR A 459 -24.12 4.41 -6.15
N ALA A 460 -25.05 3.50 -5.84
CA ALA A 460 -26.47 3.78 -5.88
C ALA A 460 -26.92 4.25 -4.50
N ALA A 461 -26.09 4.03 -3.48
CA ALA A 461 -26.41 4.53 -2.15
C ALA A 461 -26.27 6.06 -2.10
N THR A 462 -26.99 6.68 -1.16
CA THR A 462 -27.09 8.12 -1.01
C THR A 462 -26.48 8.54 0.33
N ASP A 463 -25.92 7.59 1.08
CA ASP A 463 -25.40 7.89 2.41
C ASP A 463 -24.42 6.79 2.84
N ALA A 464 -23.69 7.04 3.92
CA ALA A 464 -22.62 6.16 4.38
C ALA A 464 -23.19 4.80 4.79
N GLU A 465 -24.43 4.77 5.30
CA GLU A 465 -25.04 3.51 5.75
C GLU A 465 -25.28 2.60 4.54
N GLY A 466 -25.85 3.17 3.47
CA GLY A 466 -26.06 2.46 2.23
C GLY A 466 -24.77 1.90 1.66
N ARG A 467 -23.70 2.70 1.66
CA ARG A 467 -22.38 2.26 1.19
C ARG A 467 -21.85 1.13 2.06
N ALA A 468 -21.99 1.29 3.38
CA ALA A 468 -21.37 0.34 4.31
C ALA A 468 -22.07 -1.02 4.19
N LYS A 469 -23.40 -0.98 3.99
CA LYS A 469 -24.15 -2.22 3.72
C LYS A 469 -23.63 -2.90 2.44
N ALA A 470 -23.45 -2.18 1.35
CA ALA A 470 -22.96 -2.81 0.14
C ALA A 470 -21.57 -3.45 0.36
N TYR A 471 -20.70 -2.75 1.09
CA TYR A 471 -19.34 -3.26 1.34
C TYR A 471 -19.43 -4.51 2.21
N ALA A 472 -20.32 -4.50 3.21
CA ALA A 472 -20.55 -5.70 4.03
C ALA A 472 -20.94 -6.91 3.16
N LYS A 473 -21.88 -6.71 2.21
CA LYS A 473 -22.36 -7.82 1.39
C LYS A 473 -21.25 -8.33 0.45
N ALA A 474 -20.44 -7.41 -0.07
CA ALA A 474 -19.29 -7.77 -0.93
C ALA A 474 -18.33 -8.67 -0.14
N GLU A 475 -17.99 -8.26 1.09
CA GLU A 475 -17.06 -9.01 1.89
C GLU A 475 -17.66 -10.40 2.24
N GLU A 476 -18.98 -10.48 2.44
CA GLU A 476 -19.63 -11.72 2.75
C GLU A 476 -19.44 -12.72 1.61
N ILE A 477 -19.54 -12.23 0.37
CA ILE A 477 -19.43 -13.04 -0.81
C ILE A 477 -17.97 -13.52 -0.98
N LEU A 478 -17.04 -12.60 -0.75
CA LEU A 478 -15.62 -12.90 -0.81
C LEU A 478 -15.30 -13.95 0.27
N GLY A 479 -15.99 -13.83 1.41
CA GLY A 479 -15.77 -14.76 2.53
C GLY A 479 -16.26 -16.18 2.24
N LYS A 480 -17.46 -16.28 1.65
CA LYS A 480 -18.09 -17.56 1.27
C LYS A 480 -17.31 -18.25 0.15
N ASP A 481 -16.57 -17.49 -0.65
CA ASP A 481 -15.73 -18.06 -1.69
C ASP A 481 -14.33 -18.44 -1.19
N TYR A 482 -13.96 -18.02 0.04
CA TYR A 482 -12.61 -18.25 0.60
C TYR A 482 -11.53 -17.84 -0.43
N GLY A 483 -11.71 -16.67 -1.02
CA GLY A 483 -10.86 -16.17 -2.06
C GLY A 483 -9.40 -16.08 -1.63
N ILE A 484 -9.19 -15.73 -0.36
CA ILE A 484 -7.82 -15.59 0.19
C ILE A 484 -7.84 -16.14 1.62
N VAL A 485 -6.69 -16.04 2.31
CA VAL A 485 -6.55 -16.31 3.76
C VAL A 485 -6.09 -15.06 4.51
N PRO A 486 -7.04 -14.21 4.97
CA PRO A 486 -6.72 -13.05 5.81
C PRO A 486 -6.12 -13.58 7.12
N ILE A 487 -5.10 -12.88 7.67
CA ILE A 487 -4.48 -13.30 8.92
C ILE A 487 -4.61 -12.21 10.00
N PHE A 488 -4.10 -11.00 9.72
CA PHE A 488 -4.12 -9.97 10.74
C PHE A 488 -4.23 -8.56 10.14
N ASN A 489 -4.74 -7.65 10.97
CA ASN A 489 -4.70 -6.25 10.74
C ASN A 489 -3.42 -5.70 11.37
N TYR A 490 -2.75 -4.83 10.60
CA TYR A 490 -1.42 -4.37 10.91
C TYR A 490 -1.35 -3.42 12.11
N VAL A 491 -0.16 -3.50 12.69
CA VAL A 491 0.44 -2.45 13.41
C VAL A 491 1.81 -2.20 12.76
N ASN A 492 2.31 -0.97 12.86
CA ASN A 492 3.58 -0.58 12.25
C ASN A 492 4.57 -0.17 13.34
N PRO A 493 5.38 -1.11 13.85
CA PRO A 493 6.41 -0.78 14.83
C PRO A 493 7.68 -0.26 14.12
N ARG A 494 8.23 0.81 14.68
CA ARG A 494 9.39 1.45 14.21
C ARG A 494 10.25 1.95 15.39
N LEU A 495 11.56 1.97 15.17
CA LEU A 495 12.48 2.72 16.00
C LEU A 495 12.77 4.05 15.28
N VAL A 496 12.68 5.15 16.04
CA VAL A 496 12.92 6.52 15.60
C VAL A 496 13.82 7.22 16.62
N LYS A 497 14.96 7.74 16.18
CA LYS A 497 15.88 8.35 17.09
C LYS A 497 15.24 9.54 17.81
N PRO A 498 15.69 9.88 19.03
CA PRO A 498 15.03 10.92 19.82
C PRO A 498 15.27 12.34 19.30
N TYR A 499 16.35 12.52 18.51
CA TYR A 499 16.59 13.78 17.81
C TYR A 499 15.78 13.93 16.50
N VAL A 500 15.09 12.88 16.03
CA VAL A 500 14.18 12.99 14.88
C VAL A 500 12.79 13.46 15.38
N LYS A 501 12.28 14.55 14.79
CA LYS A 501 10.96 15.07 15.14
C LYS A 501 10.07 15.15 13.90
N GLY A 502 8.76 15.10 14.11
CA GLY A 502 7.75 15.20 13.07
C GLY A 502 7.21 13.86 12.63
N TYR A 503 7.63 12.77 13.29
CA TYR A 503 7.02 11.45 13.13
C TYR A 503 6.00 11.24 14.26
N SER A 504 4.72 11.04 13.92
CA SER A 504 3.63 11.14 14.92
C SER A 504 3.38 9.79 15.61
N GLY A 505 3.45 8.68 14.89
CA GLY A 505 2.96 7.43 15.39
C GLY A 505 1.42 7.35 15.37
N LYS A 506 0.78 8.19 14.57
CA LYS A 506 -0.71 8.29 14.54
C LYS A 506 -1.29 8.37 13.13
N ASP A 507 -0.45 8.23 12.09
CA ASP A 507 -0.90 8.26 10.70
C ASP A 507 -1.37 6.87 10.36
N PRO A 508 -2.68 6.64 10.11
CA PRO A 508 -3.17 5.31 9.76
C PRO A 508 -2.61 4.70 8.45
N GLN A 509 -1.96 5.50 7.60
CA GLN A 509 -1.26 4.98 6.42
C GLN A 509 0.26 5.00 6.62
N ASP A 510 0.72 5.57 7.75
CA ASP A 510 2.15 5.60 8.16
C ASP A 510 3.05 6.06 7.00
N HIS A 511 2.70 7.17 6.35
CA HIS A 511 3.57 7.75 5.35
C HIS A 511 4.73 8.42 6.08
N ILE A 512 5.87 8.46 5.41
CA ILE A 512 6.95 9.34 5.81
C ILE A 512 7.28 10.29 4.65
N TYR A 513 7.00 11.57 4.88
CA TYR A 513 7.39 12.65 4.02
C TYR A 513 8.59 13.37 4.65
N LEU A 514 9.68 13.44 3.92
CA LEU A 514 10.86 14.09 4.44
C LEU A 514 10.56 15.55 4.82
N ARG A 515 9.66 16.20 4.07
CA ARG A 515 9.30 17.58 4.32
C ARG A 515 8.55 17.73 5.66
N ASN A 516 8.09 16.66 6.30
CA ASN A 516 7.42 16.75 7.61
C ASN A 516 8.41 16.59 8.79
N LEU A 517 9.70 16.30 8.52
CA LEU A 517 10.60 15.94 9.59
C LEU A 517 11.61 17.08 9.85
N TYR A 518 12.25 17.03 11.03
CA TYR A 518 13.34 17.94 11.42
C TYR A 518 14.20 17.27 12.50
N ILE A 519 15.48 17.62 12.50
CA ILE A 519 16.47 17.12 13.48
C ILE A 519 16.70 18.20 14.54
N ILE A 520 16.46 17.86 15.80
CA ILE A 520 16.73 18.81 16.87
C ILE A 520 18.15 18.65 17.40
N LYS A 521 18.63 19.71 18.06
CA LYS A 521 20.00 19.82 18.50
C LYS A 521 20.14 19.14 19.89
N HIS A 522 19.24 19.44 20.84
CA HIS A 522 19.47 19.00 22.27
C HIS A 522 18.44 17.97 22.77
N TYR B 1 -1.84 -0.18 -1.54
CA TYR B 1 -0.36 -0.34 -1.76
C TYR B 1 0.07 -1.72 -1.25
N LEU B 2 0.94 -2.41 -1.99
CA LEU B 2 1.48 -3.67 -1.51
C LEU B 2 2.57 -3.39 -0.46
N GLY B 3 2.41 -4.02 0.69
CA GLY B 3 3.28 -3.78 1.88
C GLY B 3 4.48 -4.72 1.89
N ALA B 4 5.68 -4.14 2.04
CA ALA B 4 6.98 -4.89 2.06
C ALA B 4 7.12 -5.68 3.37
N ASN B 5 6.56 -5.18 4.48
CA ASN B 5 6.87 -5.67 5.87
C ASN B 5 5.56 -6.10 6.58
N GLY B 6 5.71 -6.41 7.88
CA GLY B 6 4.69 -6.99 8.79
C GLY B 6 5.30 -7.67 10.02
#